data_9K2T
#
_entry.id   9K2T
#
_cell.length_a   44.331
_cell.length_b   116.168
_cell.length_c   181.208
_cell.angle_alpha   90.000
_cell.angle_beta   90.000
_cell.angle_gamma   90.000
#
_symmetry.space_group_name_H-M   'C 2 2 21'
#
loop_
_entity.id
_entity.type
_entity.pdbx_description
1 polymer 'MHC class I antigen'
2 polymer Beta-2-microglobulin
3 polymer 'peptide from p51 RT'
4 water water
#
loop_
_entity_poly.entity_id
_entity_poly.type
_entity_poly.pdbx_seq_one_letter_code
_entity_poly.pdbx_strand_id
1 'polypeptide(L)'
;SHSMRYFYTAVSRPGRGEPRFIAVGYVDDTQFVRFDSDAASPRGEPRAPWVEQEGPEYWDRETQKYKRQAQADRVSLRNL
RGYYNQSEAGSHTLQRMYGCDLGPDGRLLRGYDQSAYDGKDYIALNEDLRSWTAADTAAQITQRKWEAAREAEQWRAYLE
GTCVEWLRRYLENGKETLQRAEHPKTHVTHHPVSDHEATLRCWALGFYPAEITLTWQRDGEDQTQDTELVETRPAGDGTF
QKWAAVVVPSGEEQRYTCHVQHEGLPEPLTLRWEP
;
A
2 'polypeptide(L)'
;MIQRTPKIQVYSRHPAENGKSNFLNCYVSGFHPSDIEVDLLKNGERIEKVEHSDLSFSKDWSFYLLYYTEFTPTEKDEYA
CRVNHVTLSQPKIVKWDRDM
;
B
3 'polypeptide(L)' ILKEPVHGVY C
#
# COMPACT_ATOMS: atom_id res chain seq x y z
N SER A 1 7.12 -12.60 9.56
CA SER A 1 7.21 -13.83 8.73
C SER A 1 5.94 -13.97 7.90
N HIS A 2 4.77 -13.91 8.52
CA HIS A 2 3.53 -13.85 7.76
C HIS A 2 2.58 -12.97 8.54
N SER A 3 1.64 -12.35 7.83
CA SER A 3 0.67 -11.49 8.49
C SER A 3 -0.62 -11.39 7.70
N MET A 4 -1.73 -11.20 8.42
CA MET A 4 -3.02 -10.85 7.84
C MET A 4 -3.43 -9.49 8.39
N ARG A 5 -3.79 -8.57 7.49
CA ARG A 5 -4.10 -7.21 7.87
C ARG A 5 -5.33 -6.74 7.12
N TYR A 6 -6.22 -6.05 7.83
CA TYR A 6 -7.35 -5.34 7.27
C TYR A 6 -7.17 -3.84 7.41
N PHE A 7 -7.60 -3.09 6.40
CA PHE A 7 -7.48 -1.63 6.37
C PHE A 7 -8.84 -1.02 6.05
N TYR A 8 -9.38 -0.22 6.96
CA TYR A 8 -10.64 0.49 6.73
C TYR A 8 -10.40 1.97 6.49
N THR A 9 -11.08 2.53 5.49
CA THR A 9 -11.12 3.96 5.28
C THR A 9 -12.57 4.40 5.20
N ALA A 10 -12.98 5.30 6.10
CA ALA A 10 -14.31 5.89 6.08
C ALA A 10 -14.17 7.39 5.85
N VAL A 11 -14.83 7.90 4.80
CA VAL A 11 -14.74 9.32 4.43
C VAL A 11 -16.14 9.92 4.43
N SER A 12 -16.38 10.86 5.33
CA SER A 12 -17.64 11.58 5.29
C SER A 12 -17.66 12.51 4.08
N ARG A 13 -18.88 12.72 3.58
CA ARG A 13 -19.08 13.65 2.43
C ARG A 13 -19.85 14.84 3.00
N PRO A 14 -19.60 16.09 2.56
CA PRO A 14 -20.23 17.26 3.20
C PRO A 14 -21.74 17.28 3.07
N GLY A 15 -22.37 17.87 4.07
CA GLY A 15 -23.82 17.97 4.18
C GLY A 15 -24.37 16.62 3.81
N ARG A 16 -25.14 16.58 2.73
CA ARG A 16 -25.85 15.39 2.29
C ARG A 16 -24.96 14.32 1.64
N GLY A 17 -25.49 13.10 1.61
CA GLY A 17 -24.74 11.96 1.12
C GLY A 17 -24.05 11.28 2.28
N GLU A 18 -24.20 9.96 2.37
CA GLU A 18 -23.55 9.20 3.43
C GLU A 18 -22.08 9.03 3.11
N PRO A 19 -21.27 8.55 4.06
CA PRO A 19 -19.84 8.45 3.84
C PRO A 19 -19.46 7.35 2.85
N ARG A 20 -18.18 7.34 2.49
CA ARG A 20 -17.63 6.31 1.58
C ARG A 20 -16.80 5.33 2.41
N PHE A 21 -17.24 4.07 2.53
CA PHE A 21 -16.52 3.07 3.31
C PHE A 21 -15.86 2.06 2.38
N ILE A 22 -14.52 1.98 2.46
CA ILE A 22 -13.72 1.04 1.69
C ILE A 22 -12.87 0.24 2.65
N ALA A 23 -12.92 -1.08 2.53
CA ALA A 23 -12.05 -1.97 3.28
C ALA A 23 -11.28 -2.85 2.31
N VAL A 24 -10.01 -3.13 2.64
CA VAL A 24 -9.22 -4.12 1.93
C VAL A 24 -8.54 -5.05 2.93
N GLY A 25 -8.31 -6.28 2.51
CA GLY A 25 -7.62 -7.26 3.33
C GLY A 25 -6.38 -7.76 2.60
N TYR A 26 -5.31 -8.00 3.37
CA TYR A 26 -4.05 -8.46 2.82
C TYR A 26 -3.53 -9.64 3.63
N VAL A 27 -2.94 -10.62 2.93
CA VAL A 27 -2.00 -11.56 3.53
C VAL A 27 -0.62 -11.19 3.01
N ASP A 28 0.30 -10.89 3.93
CA ASP A 28 1.57 -10.28 3.57
C ASP A 28 1.35 -9.13 2.59
N ASP A 29 1.97 -9.19 1.41
CA ASP A 29 1.85 -8.13 0.42
C ASP A 29 0.87 -8.48 -0.72
N THR A 30 -0.05 -9.40 -0.48
CA THR A 30 -1.02 -9.83 -1.48
C THR A 30 -2.40 -9.44 -0.98
N GLN A 31 -3.10 -8.61 -1.73
CA GLN A 31 -4.50 -8.33 -1.42
C GLN A 31 -5.36 -9.55 -1.72
N PHE A 32 -6.34 -9.84 -0.86
CA PHE A 32 -7.28 -10.91 -1.17
C PHE A 32 -8.75 -10.53 -1.14
N VAL A 33 -9.12 -9.31 -0.71
CA VAL A 33 -10.52 -8.93 -0.60
C VAL A 33 -10.66 -7.40 -0.65
N ARG A 34 -11.82 -6.96 -1.15
CA ARG A 34 -12.14 -5.50 -1.19
C ARG A 34 -13.65 -5.31 -0.98
N PHE A 35 -14.04 -4.25 -0.26
CA PHE A 35 -15.44 -3.88 -0.06
C PHE A 35 -15.56 -2.37 -0.23
N ASP A 36 -16.49 -1.93 -1.08
CA ASP A 36 -16.67 -0.52 -1.37
C ASP A 36 -18.16 -0.17 -1.30
N SER A 37 -18.55 0.57 -0.24
CA SER A 37 -19.96 0.92 -0.04
C SER A 37 -20.56 1.69 -1.20
N ASP A 38 -19.75 2.27 -2.09
CA ASP A 38 -20.28 2.98 -3.26
C ASP A 38 -20.75 2.06 -4.38
N ALA A 39 -20.42 0.76 -4.34
CA ALA A 39 -20.83 -0.16 -5.39
C ALA A 39 -22.36 -0.16 -5.54
N ALA A 40 -22.83 -0.76 -6.64
CA ALA A 40 -24.26 -0.84 -6.95
C ALA A 40 -24.99 -1.63 -5.87
N SER A 41 -24.71 -2.93 -5.78
CA SER A 41 -25.13 -3.79 -4.68
C SER A 41 -23.84 -4.27 -4.03
N PRO A 42 -23.31 -3.52 -3.06
CA PRO A 42 -21.92 -3.76 -2.61
C PRO A 42 -21.78 -5.05 -1.83
N ARG A 43 -20.71 -5.79 -2.12
CA ARG A 43 -20.38 -6.96 -1.33
C ARG A 43 -18.86 -7.13 -1.26
N GLY A 44 -18.42 -7.90 -0.28
CA GLY A 44 -17.04 -8.33 -0.26
C GLY A 44 -16.71 -9.06 -1.55
N GLU A 45 -15.56 -8.76 -2.15
CA GLU A 45 -15.20 -9.36 -3.41
C GLU A 45 -13.78 -9.94 -3.36
N PRO A 46 -13.58 -11.14 -3.90
CA PRO A 46 -12.23 -11.71 -3.90
C PRO A 46 -11.28 -10.91 -4.77
N ARG A 47 -10.03 -10.79 -4.30
CA ARG A 47 -8.99 -10.15 -5.08
C ARG A 47 -7.78 -11.05 -5.25
N ALA A 48 -7.89 -12.32 -4.86
CA ALA A 48 -6.83 -13.29 -4.98
C ALA A 48 -7.49 -14.62 -5.30
N PRO A 49 -6.86 -15.46 -6.13
CA PRO A 49 -7.47 -16.76 -6.46
C PRO A 49 -7.78 -17.63 -5.25
N TRP A 50 -6.93 -17.59 -4.22
CA TRP A 50 -7.04 -18.55 -3.12
C TRP A 50 -8.20 -18.27 -2.16
N VAL A 51 -9.06 -17.28 -2.41
CA VAL A 51 -10.32 -17.14 -1.69
C VAL A 51 -11.53 -17.25 -2.60
N GLU A 52 -11.31 -17.38 -3.92
CA GLU A 52 -12.47 -17.35 -4.88
C GLU A 52 -13.42 -18.54 -4.67
N GLN A 53 -12.91 -19.71 -4.26
CA GLN A 53 -13.76 -20.89 -4.17
C GLN A 53 -14.15 -21.18 -2.72
N GLU A 54 -14.28 -20.12 -1.92
CA GLU A 54 -14.60 -20.27 -0.52
C GLU A 54 -16.09 -20.56 -0.29
N GLY A 55 -16.94 -20.36 -1.29
CA GLY A 55 -18.34 -20.68 -1.17
C GLY A 55 -19.21 -19.49 -0.82
N PRO A 56 -20.48 -19.52 -1.21
CA PRO A 56 -21.33 -18.32 -1.08
C PRO A 56 -21.54 -17.86 0.36
N GLU A 57 -21.60 -18.81 1.30
CA GLU A 57 -21.90 -18.46 2.72
C GLU A 57 -20.76 -17.64 3.28
N TYR A 58 -19.53 -18.09 3.06
CA TYR A 58 -18.38 -17.30 3.46
C TYR A 58 -18.54 -15.86 2.98
N TRP A 59 -18.93 -15.68 1.72
CA TRP A 59 -18.98 -14.34 1.14
C TRP A 59 -20.22 -13.58 1.57
N ASP A 60 -21.33 -14.27 1.85
CA ASP A 60 -22.48 -13.57 2.44
C ASP A 60 -22.15 -13.13 3.86
N ARG A 61 -21.41 -13.97 4.59
CA ARG A 61 -21.01 -13.62 5.97
C ARG A 61 -20.13 -12.38 5.94
N GLU A 62 -19.10 -12.36 5.09
CA GLU A 62 -18.22 -11.20 5.01
C GLU A 62 -18.99 -9.96 4.61
N THR A 63 -19.80 -10.07 3.56
CA THR A 63 -20.58 -8.92 3.08
C THR A 63 -21.45 -8.33 4.19
N GLN A 64 -22.15 -9.19 4.94
CA GLN A 64 -22.98 -8.69 6.03
C GLN A 64 -22.13 -7.99 7.08
N LYS A 65 -20.98 -8.56 7.42
CA LYS A 65 -20.11 -7.89 8.38
C LYS A 65 -19.61 -6.55 7.85
N TYR A 66 -19.22 -6.50 6.57
CA TYR A 66 -18.77 -5.24 5.96
C TYR A 66 -19.87 -4.19 6.02
N LYS A 67 -21.09 -4.57 5.62
CA LYS A 67 -22.21 -3.65 5.64
C LYS A 67 -22.48 -3.11 7.03
N ARG A 68 -22.41 -3.98 8.05
CA ARG A 68 -22.65 -3.52 9.41
C ARG A 68 -21.53 -2.62 9.90
N GLN A 69 -20.29 -2.91 9.48
CA GLN A 69 -19.17 -2.03 9.79
C GLN A 69 -19.39 -0.64 9.21
N ALA A 70 -19.87 -0.55 7.96
CA ALA A 70 -20.05 0.74 7.32
C ALA A 70 -21.12 1.57 8.03
N GLN A 71 -22.19 0.93 8.49
CA GLN A 71 -23.21 1.62 9.28
C GLN A 71 -22.63 2.12 10.59
N ALA A 72 -21.82 1.30 11.27
CA ALA A 72 -21.15 1.74 12.49
C ALA A 72 -20.29 2.96 12.25
N ASP A 73 -19.47 2.91 11.18
CA ASP A 73 -18.56 4.02 10.89
C ASP A 73 -19.32 5.30 10.61
N ARG A 74 -20.53 5.20 10.07
CA ARG A 74 -21.32 6.41 9.83
C ARG A 74 -21.68 7.11 11.12
N VAL A 75 -22.10 6.36 12.14
CA VAL A 75 -22.33 6.94 13.46
C VAL A 75 -21.02 7.44 14.05
N SER A 76 -19.96 6.62 13.95
CA SER A 76 -18.66 7.02 14.46
C SER A 76 -18.21 8.37 13.91
N LEU A 77 -18.39 8.58 12.60
CA LEU A 77 -17.94 9.83 12.00
C LEU A 77 -18.69 11.02 12.56
N ARG A 78 -19.98 10.85 12.86
CA ARG A 78 -20.73 11.95 13.50
C ARG A 78 -20.25 12.17 14.92
N ASN A 79 -19.99 11.08 15.66
CA ASN A 79 -19.45 11.24 17.01
C ASN A 79 -18.14 11.99 16.98
N LEU A 80 -17.26 11.64 16.05
CA LEU A 80 -15.94 12.28 15.99
C LEU A 80 -16.07 13.76 15.67
N ARG A 81 -16.93 14.12 14.72
CA ARG A 81 -17.17 15.54 14.45
C ARG A 81 -17.59 16.26 15.71
N GLY A 82 -18.41 15.63 16.54
CA GLY A 82 -18.85 16.29 17.76
C GLY A 82 -17.72 16.43 18.78
N TYR A 83 -16.85 15.42 18.86
CA TYR A 83 -15.72 15.50 19.77
C TYR A 83 -14.84 16.70 19.44
N TYR A 84 -14.69 17.00 18.16
CA TYR A 84 -13.81 18.08 17.71
C TYR A 84 -14.56 19.34 17.28
N ASN A 85 -15.87 19.44 17.58
CA ASN A 85 -16.64 20.67 17.34
C ASN A 85 -16.63 21.06 15.87
N GLN A 86 -16.72 20.06 14.99
CA GLN A 86 -16.57 20.26 13.55
C GLN A 86 -17.93 20.35 12.90
N SER A 87 -18.05 21.22 11.90
CA SER A 87 -19.34 21.37 11.27
C SER A 87 -19.56 20.25 10.26
N GLU A 88 -20.78 20.16 9.74
CA GLU A 88 -21.11 19.16 8.74
C GLU A 88 -20.61 19.51 7.35
N ALA A 89 -20.20 20.76 7.12
CA ALA A 89 -19.80 21.16 5.77
C ALA A 89 -18.51 20.50 5.29
N GLY A 90 -17.74 19.87 6.17
CA GLY A 90 -16.42 19.38 5.82
C GLY A 90 -16.36 17.86 5.69
N SER A 91 -15.42 17.38 4.89
CA SER A 91 -15.13 15.96 4.75
C SER A 91 -14.05 15.55 5.72
N HIS A 92 -14.27 14.48 6.47
CA HIS A 92 -13.27 13.95 7.39
C HIS A 92 -13.08 12.46 7.13
N THR A 93 -11.98 11.93 7.68
CA THR A 93 -11.52 10.59 7.37
C THR A 93 -11.28 9.82 8.66
N LEU A 94 -11.87 8.63 8.74
CA LEU A 94 -11.60 7.70 9.82
C LEU A 94 -10.93 6.47 9.21
N GLN A 95 -9.76 6.13 9.73
CA GLN A 95 -9.00 4.98 9.25
C GLN A 95 -8.80 3.99 10.37
N ARG A 96 -8.82 2.71 10.02
CA ARG A 96 -8.53 1.65 10.98
C ARG A 96 -7.68 0.59 10.30
N MET A 97 -6.66 0.11 11.02
CA MET A 97 -5.84 -1.00 10.57
C MET A 97 -5.71 -2.01 11.71
N TYR A 98 -6.01 -3.28 11.42
CA TYR A 98 -5.79 -4.32 12.42
C TYR A 98 -5.37 -5.61 11.74
N GLY A 99 -4.71 -6.47 12.51
CA GLY A 99 -4.24 -7.73 11.98
C GLY A 99 -3.37 -8.46 12.99
N CYS A 100 -2.76 -9.54 12.52
CA CYS A 100 -1.95 -10.41 13.35
C CYS A 100 -0.71 -10.85 12.58
N ASP A 101 0.40 -11.03 13.31
CA ASP A 101 1.66 -11.51 12.76
C ASP A 101 2.00 -12.88 13.32
N LEU A 102 2.52 -13.75 12.45
CA LEU A 102 3.19 -14.96 12.88
C LEU A 102 4.70 -14.71 12.92
N GLY A 103 5.39 -15.51 13.74
CA GLY A 103 6.83 -15.42 13.85
C GLY A 103 7.51 -16.36 12.89
N PRO A 104 8.83 -16.49 13.01
CA PRO A 104 9.54 -17.51 12.23
C PRO A 104 9.02 -18.91 12.47
N ASP A 105 8.56 -19.22 13.68
CA ASP A 105 8.06 -20.55 14.01
C ASP A 105 6.68 -20.84 13.44
N GLY A 106 6.09 -19.93 12.65
CA GLY A 106 4.78 -20.18 12.11
C GLY A 106 3.65 -19.91 13.07
N ARG A 107 4.01 -19.31 14.22
CA ARG A 107 3.02 -19.16 15.30
C ARG A 107 2.79 -17.71 15.68
N LEU A 108 1.73 -17.45 16.43
CA LEU A 108 1.30 -16.12 16.85
C LEU A 108 2.45 -15.35 17.48
N LEU A 109 2.73 -14.17 16.95
CA LEU A 109 3.72 -13.25 17.50
C LEU A 109 3.12 -11.98 18.08
N ARG A 110 2.16 -11.36 17.42
CA ARG A 110 1.52 -10.16 17.97
C ARG A 110 0.19 -9.92 17.27
N GLY A 111 -0.67 -9.16 17.95
CA GLY A 111 -1.83 -8.60 17.30
C GLY A 111 -1.80 -7.09 17.39
N TYR A 112 -2.53 -6.40 16.52
CA TYR A 112 -2.57 -4.94 16.59
C TYR A 112 -3.91 -4.45 16.11
N ASP A 113 -4.25 -3.25 16.56
CA ASP A 113 -5.43 -2.53 16.09
C ASP A 113 -5.17 -1.05 16.31
N GLN A 114 -5.24 -0.27 15.24
CA GLN A 114 -4.88 1.14 15.28
C GLN A 114 -5.89 1.94 14.48
N SER A 115 -6.19 3.16 14.96
CA SER A 115 -7.17 4.04 14.33
C SER A 115 -6.58 5.44 14.19
N ALA A 116 -7.00 6.14 13.13
CA ALA A 116 -6.54 7.50 12.87
C ALA A 116 -7.72 8.36 12.44
N TYR A 117 -7.69 9.64 12.85
CA TYR A 117 -8.70 10.61 12.44
C TYR A 117 -8.01 11.73 11.67
N ASP A 118 -8.48 11.98 10.45
CA ASP A 118 -7.91 13.00 9.58
C ASP A 118 -6.39 12.85 9.50
N GLY A 119 -5.94 11.60 9.41
CA GLY A 119 -4.57 11.27 9.14
C GLY A 119 -3.66 11.27 10.34
N LYS A 120 -4.17 11.49 11.55
CA LYS A 120 -3.35 11.50 12.76
C LYS A 120 -3.81 10.38 13.68
N ASP A 121 -2.84 9.83 14.41
CA ASP A 121 -3.13 8.82 15.43
C ASP A 121 -4.27 9.27 16.31
N TYR A 122 -5.25 8.39 16.50
CA TYR A 122 -6.36 8.66 17.37
C TYR A 122 -6.36 7.72 18.58
N ILE A 123 -6.40 6.41 18.37
CA ILE A 123 -6.38 5.47 19.49
C ILE A 123 -5.80 4.15 18.98
N ALA A 124 -5.13 3.43 19.87
CA ALA A 124 -4.44 2.21 19.50
C ALA A 124 -4.54 1.21 20.64
N LEU A 125 -4.78 -0.06 20.28
CA LEU A 125 -4.66 -1.14 21.23
C LEU A 125 -3.19 -1.37 21.58
N ASN A 126 -2.88 -1.44 22.87
CA ASN A 126 -1.52 -1.74 23.31
C ASN A 126 -1.16 -3.17 22.95
N GLU A 127 0.14 -3.47 22.91
CA GLU A 127 0.50 -4.77 22.36
C GLU A 127 0.11 -5.91 23.28
N ASP A 128 -0.06 -5.66 24.58
CA ASP A 128 -0.61 -6.71 25.41
C ASP A 128 -2.07 -7.01 25.08
N LEU A 129 -2.68 -6.26 24.16
CA LEU A 129 -4.05 -6.49 23.70
C LEU A 129 -5.06 -6.46 24.83
N ARG A 130 -4.75 -5.72 25.90
CA ARG A 130 -5.62 -5.64 27.06
C ARG A 130 -6.08 -4.24 27.43
N SER A 131 -5.59 -3.21 26.75
CA SER A 131 -6.06 -1.85 26.99
C SER A 131 -5.62 -0.98 25.81
N TRP A 132 -5.84 0.33 25.91
CA TRP A 132 -5.67 1.24 24.79
C TRP A 132 -4.78 2.41 25.18
N THR A 133 -4.16 3.00 24.16
CA THR A 133 -3.47 4.28 24.26
C THR A 133 -4.25 5.31 23.43
N ALA A 134 -4.64 6.40 24.06
CA ALA A 134 -5.42 7.44 23.41
C ALA A 134 -4.52 8.62 23.09
N ALA A 135 -4.68 9.18 21.90
CA ALA A 135 -3.79 10.28 21.50
C ALA A 135 -4.22 11.64 22.04
N ASP A 136 -5.50 11.83 22.37
CA ASP A 136 -5.98 13.13 22.84
C ASP A 136 -7.21 12.93 23.71
N THR A 137 -7.81 14.04 24.15
CA THR A 137 -8.96 13.94 25.06
C THR A 137 -10.18 13.36 24.37
N ALA A 138 -10.39 13.66 23.09
CA ALA A 138 -11.46 13.01 22.35
C ALA A 138 -11.28 11.49 22.35
N ALA A 139 -10.06 11.02 22.06
CA ALA A 139 -9.85 9.58 22.02
C ALA A 139 -10.05 8.94 23.39
N GLN A 140 -9.85 9.69 24.46
CA GLN A 140 -10.12 9.15 25.80
C GLN A 140 -11.61 8.90 26.01
N ILE A 141 -12.49 9.66 25.36
CA ILE A 141 -13.91 9.33 25.38
C ILE A 141 -14.14 7.98 24.70
N THR A 142 -13.59 7.82 23.49
CA THR A 142 -13.69 6.53 22.80
C THR A 142 -13.17 5.41 23.68
N GLN A 143 -11.98 5.61 24.27
CA GLN A 143 -11.41 4.60 25.15
C GLN A 143 -12.40 4.21 26.26
N ARG A 144 -12.96 5.22 26.94
CA ARG A 144 -13.90 4.93 28.01
C ARG A 144 -15.09 4.14 27.51
N LYS A 145 -15.62 4.51 26.33
CA LYS A 145 -16.76 3.79 25.78
C LYS A 145 -16.40 2.33 25.49
N TRP A 146 -15.20 2.12 24.92
CA TRP A 146 -14.75 0.77 24.63
C TRP A 146 -14.49 0.00 25.92
N GLU A 147 -13.98 0.68 26.95
CA GLU A 147 -13.80 -0.01 28.23
C GLU A 147 -15.13 -0.38 28.85
N ALA A 148 -16.15 0.46 28.68
CA ALA A 148 -17.46 0.21 29.30
C ALA A 148 -18.01 -1.15 28.87
N ALA A 149 -17.75 -1.55 27.63
CA ALA A 149 -18.18 -2.84 27.11
C ALA A 149 -17.04 -3.86 27.12
N ARG A 150 -15.91 -3.53 27.76
CA ARG A 150 -14.79 -4.45 27.89
C ARG A 150 -14.38 -5.03 26.53
N GLU A 151 -14.22 -4.15 25.54
CA GLU A 151 -14.00 -4.59 24.17
C GLU A 151 -12.60 -5.09 23.90
N ALA A 152 -11.66 -4.91 24.83
CA ALA A 152 -10.31 -5.40 24.59
C ALA A 152 -10.28 -6.92 24.54
N GLU A 153 -11.04 -7.58 25.42
CA GLU A 153 -11.07 -9.04 25.43
C GLU A 153 -11.56 -9.59 24.10
N GLN A 154 -12.60 -9.00 23.50
CA GLN A 154 -13.03 -9.56 22.19
C GLN A 154 -11.97 -9.22 21.12
N TRP A 155 -11.33 -8.04 21.19
CA TRP A 155 -10.29 -7.84 20.20
C TRP A 155 -9.17 -8.87 20.38
N ARG A 156 -8.75 -9.11 21.62
CA ARG A 156 -7.73 -10.13 21.87
C ARG A 156 -8.18 -11.49 21.36
N ALA A 157 -9.40 -11.90 21.69
CA ALA A 157 -9.93 -13.17 21.19
C ALA A 157 -9.84 -13.25 19.66
N TYR A 158 -10.23 -12.19 18.97
CA TYR A 158 -10.15 -12.22 17.52
C TYR A 158 -8.69 -12.26 17.04
N LEU A 159 -7.87 -11.34 17.54
CA LEU A 159 -6.51 -11.19 17.03
C LEU A 159 -5.64 -12.41 17.34
N GLU A 160 -5.75 -12.98 18.54
CA GLU A 160 -4.94 -14.13 18.91
C GLU A 160 -5.57 -15.46 18.52
N GLY A 161 -6.76 -15.45 17.95
CA GLY A 161 -7.48 -16.69 17.65
C GLY A 161 -7.99 -16.82 16.24
N THR A 162 -9.06 -16.06 15.94
CA THR A 162 -9.68 -16.13 14.60
C THR A 162 -8.68 -15.62 13.55
N CYS A 163 -7.95 -14.54 13.87
CA CYS A 163 -7.04 -13.97 12.87
C CYS A 163 -5.95 -14.97 12.51
N VAL A 164 -5.36 -15.62 13.51
CA VAL A 164 -4.28 -16.56 13.28
C VAL A 164 -4.81 -17.81 12.57
N GLU A 165 -5.94 -18.33 13.04
CA GLU A 165 -6.54 -19.55 12.41
C GLU A 165 -6.77 -19.30 10.93
N TRP A 166 -7.41 -18.18 10.57
CA TRP A 166 -7.74 -17.91 9.16
C TRP A 166 -6.54 -17.48 8.35
N LEU A 167 -5.55 -16.82 8.96
CA LEU A 167 -4.31 -16.54 8.24
C LEU A 167 -3.62 -17.83 7.82
N ARG A 168 -3.59 -18.82 8.69
CA ARG A 168 -2.95 -20.08 8.34
C ARG A 168 -3.74 -20.82 7.27
N ARG A 169 -5.07 -20.65 7.25
CA ARG A 169 -5.87 -21.28 6.21
C ARG A 169 -5.66 -20.60 4.86
N TYR A 170 -5.63 -19.27 4.85
CA TYR A 170 -5.28 -18.58 3.62
C TYR A 170 -3.88 -18.96 3.14
N LEU A 171 -2.93 -19.05 4.08
CA LEU A 171 -1.56 -19.41 3.70
C LEU A 171 -1.49 -20.82 3.10
N GLU A 172 -2.37 -21.72 3.57
CA GLU A 172 -2.41 -23.09 3.01
C GLU A 172 -3.07 -23.04 1.62
N ASN A 173 -4.27 -22.46 1.52
CA ASN A 173 -4.98 -22.34 0.25
C ASN A 173 -4.10 -21.72 -0.83
N GLY A 174 -3.27 -20.75 -0.47
CA GLY A 174 -2.43 -20.09 -1.45
C GLY A 174 -0.95 -20.41 -1.30
N LYS A 175 -0.63 -21.64 -0.89
CA LYS A 175 0.77 -22.00 -0.63
C LYS A 175 1.65 -21.79 -1.85
N GLU A 176 1.09 -22.04 -3.05
CA GLU A 176 1.91 -22.01 -4.25
C GLU A 176 2.48 -20.62 -4.52
N THR A 177 1.72 -19.57 -4.19
CA THR A 177 2.20 -18.19 -4.35
C THR A 177 2.55 -17.51 -3.04
N LEU A 178 1.77 -17.71 -1.98
CA LEU A 178 1.99 -16.94 -0.76
C LEU A 178 3.22 -17.40 0.00
N GLN A 179 3.63 -18.65 -0.16
CA GLN A 179 4.77 -19.17 0.58
C GLN A 179 6.00 -19.38 -0.30
N ARG A 180 5.99 -18.77 -1.48
CA ARG A 180 7.18 -18.85 -2.38
C ARG A 180 7.73 -17.45 -2.62
N ALA A 181 8.90 -17.12 -2.05
CA ALA A 181 9.50 -15.82 -2.32
C ALA A 181 10.03 -15.84 -3.75
N GLU A 182 9.94 -14.68 -4.42
CA GLU A 182 10.52 -14.54 -5.77
C GLU A 182 11.74 -13.63 -5.63
N HIS A 183 12.93 -14.15 -5.91
CA HIS A 183 14.15 -13.37 -5.76
C HIS A 183 14.16 -12.22 -6.77
N PRO A 184 14.78 -11.10 -6.41
CA PRO A 184 14.84 -9.98 -7.37
C PRO A 184 15.72 -10.34 -8.56
N LYS A 185 15.25 -10.05 -9.77
CA LYS A 185 16.12 -10.09 -10.94
C LYS A 185 16.86 -8.77 -11.03
N THR A 186 18.18 -8.81 -11.02
CA THR A 186 18.97 -7.61 -10.80
C THR A 186 19.90 -7.33 -11.98
N HIS A 187 20.04 -6.06 -12.33
CA HIS A 187 21.02 -5.65 -13.32
C HIS A 187 21.36 -4.18 -13.12
N VAL A 188 22.52 -3.78 -13.67
CA VAL A 188 23.02 -2.41 -13.56
C VAL A 188 23.05 -1.82 -14.96
N THR A 189 22.49 -0.62 -15.10
CA THR A 189 22.52 0.15 -16.34
C THR A 189 23.35 1.42 -16.16
N HIS A 190 23.76 1.99 -17.30
CA HIS A 190 24.72 3.08 -17.38
C HIS A 190 24.12 4.22 -18.19
N HIS A 191 24.05 5.42 -17.60
CA HIS A 191 23.41 6.57 -18.25
C HIS A 191 24.28 7.80 -18.18
N PRO A 192 24.99 8.15 -19.25
CA PRO A 192 25.84 9.36 -19.20
C PRO A 192 25.00 10.61 -19.01
N VAL A 193 25.56 11.52 -18.25
CA VAL A 193 25.01 12.88 -18.13
C VAL A 193 25.91 13.75 -19.01
N SER A 194 27.23 13.60 -18.87
CA SER A 194 28.21 14.26 -19.78
C SER A 194 29.32 13.23 -20.08
N ASP A 195 30.37 13.59 -20.80
CA ASP A 195 31.47 12.61 -21.03
C ASP A 195 32.26 12.42 -19.74
N HIS A 196 32.00 13.26 -18.73
CA HIS A 196 32.80 13.23 -17.48
C HIS A 196 32.02 12.57 -16.35
N GLU A 197 30.74 12.25 -16.56
CA GLU A 197 29.90 11.72 -15.46
C GLU A 197 28.79 10.80 -16.00
N ALA A 198 28.48 9.73 -15.27
CA ALA A 198 27.43 8.81 -15.66
C ALA A 198 26.63 8.37 -14.43
N THR A 199 25.33 8.16 -14.65
CA THR A 199 24.46 7.60 -13.63
C THR A 199 24.53 6.07 -13.73
N LEU A 200 24.86 5.43 -12.61
CA LEU A 200 24.76 3.97 -12.47
C LEU A 200 23.49 3.67 -11.71
N ARG A 201 22.57 2.97 -12.40
CA ARG A 201 21.26 2.62 -11.81
C ARG A 201 21.20 1.11 -11.58
N CYS A 202 21.05 0.69 -10.32
CA CYS A 202 20.99 -0.72 -9.96
C CYS A 202 19.54 -1.12 -9.79
N TRP A 203 19.08 -2.08 -10.59
CA TRP A 203 17.68 -2.47 -10.64
C TRP A 203 17.42 -3.77 -9.89
N ALA A 204 16.25 -3.83 -9.22
CA ALA A 204 15.73 -5.06 -8.65
C ALA A 204 14.29 -5.20 -9.13
N LEU A 205 14.00 -6.29 -9.84
CA LEU A 205 12.73 -6.44 -10.52
C LEU A 205 12.10 -7.79 -10.18
N GLY A 206 10.77 -7.81 -10.28
CA GLY A 206 9.98 -9.02 -10.15
C GLY A 206 10.12 -9.76 -8.82
N PHE A 207 10.32 -9.06 -7.71
CA PHE A 207 10.51 -9.75 -6.44
C PHE A 207 9.25 -9.70 -5.57
N TYR A 208 9.27 -10.56 -4.55
CA TYR A 208 8.19 -10.75 -3.60
C TYR A 208 8.76 -11.51 -2.42
N PRO A 209 8.50 -11.09 -1.18
CA PRO A 209 7.67 -9.94 -0.83
C PRO A 209 8.38 -8.62 -1.04
N ALA A 210 7.73 -7.53 -0.61
CA ALA A 210 8.20 -6.20 -1.00
C ALA A 210 9.49 -5.83 -0.28
N GLU A 211 9.70 -6.33 0.93
CA GLU A 211 10.88 -5.98 1.72
C GLU A 211 12.15 -6.30 0.94
N ILE A 212 13.05 -5.32 0.87
CA ILE A 212 14.30 -5.46 0.13
C ILE A 212 15.23 -4.35 0.59
N THR A 213 16.53 -4.59 0.46
CA THR A 213 17.54 -3.57 0.72
C THR A 213 18.45 -3.49 -0.49
N LEU A 214 18.57 -2.30 -1.06
CA LEU A 214 19.46 -1.98 -2.18
C LEU A 214 20.47 -0.94 -1.72
N THR A 215 21.74 -1.15 -2.04
CA THR A 215 22.78 -0.26 -1.54
C THR A 215 23.89 -0.13 -2.57
N TRP A 216 24.39 1.09 -2.75
CA TRP A 216 25.60 1.31 -3.53
C TRP A 216 26.79 1.48 -2.59
N GLN A 217 27.92 0.85 -2.93
CA GLN A 217 29.16 1.05 -2.21
C GLN A 217 30.23 1.54 -3.19
N ARG A 218 31.12 2.41 -2.67
CA ARG A 218 32.28 2.89 -3.46
C ARG A 218 33.52 2.42 -2.73
N ASP A 219 34.32 1.54 -3.34
CA ASP A 219 35.49 0.95 -2.71
C ASP A 219 35.11 0.28 -1.39
N GLY A 220 33.88 -0.23 -1.31
CA GLY A 220 33.40 -0.93 -0.13
C GLY A 220 32.77 -0.05 0.94
N GLU A 221 32.79 1.27 0.72
CA GLU A 221 32.21 2.24 1.69
C GLU A 221 30.77 2.57 1.27
N ASP A 222 29.87 2.75 2.23
CA ASP A 222 28.45 2.97 1.92
C ASP A 222 28.22 4.40 1.41
N GLN A 223 27.64 4.50 0.21
CA GLN A 223 27.42 5.82 -0.44
C GLN A 223 25.97 6.26 -0.22
N THR A 224 25.49 6.15 1.01
CA THR A 224 24.08 6.47 1.33
C THR A 224 23.76 7.93 0.99
N GLN A 225 24.70 8.83 1.22
CA GLN A 225 24.44 10.28 1.00
C GLN A 225 24.26 10.59 -0.48
N ASP A 226 25.01 9.94 -1.37
CA ASP A 226 24.95 10.29 -2.80
C ASP A 226 24.04 9.33 -3.56
N THR A 227 23.14 8.63 -2.88
CA THR A 227 22.34 7.60 -3.57
C THR A 227 20.88 8.03 -3.77
N GLU A 228 20.41 8.07 -5.00
CA GLU A 228 18.97 8.36 -5.25
C GLU A 228 18.24 7.03 -5.18
N LEU A 229 17.57 6.75 -4.05
CA LEU A 229 16.89 5.49 -3.80
C LEU A 229 15.39 5.72 -3.94
N VAL A 230 14.83 5.08 -4.98
CA VAL A 230 13.39 5.23 -5.27
C VAL A 230 12.59 4.31 -4.34
N GLU A 231 11.33 4.67 -4.07
CA GLU A 231 10.49 3.89 -3.18
C GLU A 231 10.04 2.61 -3.88
N THR A 232 9.96 1.52 -3.12
CA THR A 232 9.52 0.24 -3.68
C THR A 232 8.11 0.37 -4.23
N ARG A 233 7.91 -0.16 -5.43
CA ARG A 233 6.71 0.09 -6.21
C ARG A 233 6.14 -1.21 -6.76
N PRO A 234 4.82 -1.27 -6.94
CA PRO A 234 4.20 -2.49 -7.49
C PRO A 234 4.34 -2.54 -9.00
N ALA A 235 4.75 -3.71 -9.50
CA ALA A 235 4.77 -3.95 -10.93
C ALA A 235 3.38 -4.12 -11.49
N GLY A 236 2.40 -4.48 -10.66
CA GLY A 236 1.06 -4.73 -11.10
C GLY A 236 0.71 -6.20 -11.27
N ASP A 237 1.70 -7.09 -11.23
CA ASP A 237 1.47 -8.52 -11.33
C ASP A 237 1.69 -9.24 -10.00
N GLY A 238 1.65 -8.52 -8.88
CA GLY A 238 1.93 -9.11 -7.59
C GLY A 238 3.39 -9.05 -7.15
N THR A 239 4.32 -8.75 -8.06
CA THR A 239 5.71 -8.55 -7.69
C THR A 239 6.01 -7.04 -7.54
N PHE A 240 7.24 -6.73 -7.13
CA PHE A 240 7.64 -5.38 -6.77
C PHE A 240 8.95 -5.01 -7.47
N GLN A 241 9.25 -3.70 -7.50
CA GLN A 241 10.42 -3.15 -8.19
C GLN A 241 11.09 -2.10 -7.32
N LYS A 242 12.40 -1.97 -7.47
CA LYS A 242 13.16 -0.92 -6.77
C LYS A 242 14.45 -0.63 -7.52
N TRP A 243 14.90 0.63 -7.47
CA TRP A 243 16.22 0.91 -8.02
C TRP A 243 16.95 1.95 -7.18
N ALA A 244 18.26 1.96 -7.33
CA ALA A 244 19.14 2.88 -6.65
C ALA A 244 20.17 3.38 -7.65
N ALA A 245 20.36 4.68 -7.70
CA ALA A 245 21.22 5.29 -8.71
C ALA A 245 22.24 6.19 -8.04
N VAL A 246 23.42 6.25 -8.64
CA VAL A 246 24.53 7.05 -8.14
C VAL A 246 25.25 7.64 -9.35
N VAL A 247 25.73 8.87 -9.21
CA VAL A 247 26.41 9.57 -10.30
C VAL A 247 27.91 9.41 -10.07
N VAL A 248 28.60 8.85 -11.06
CA VAL A 248 30.02 8.52 -10.92
C VAL A 248 30.83 9.21 -12.01
N PRO A 249 32.11 9.50 -11.79
CA PRO A 249 32.93 10.04 -12.87
C PRO A 249 33.25 8.96 -13.90
N SER A 250 33.37 9.38 -15.16
CA SER A 250 33.71 8.43 -16.21
C SER A 250 35.06 7.80 -15.91
N GLY A 251 35.18 6.51 -16.20
CA GLY A 251 36.40 5.78 -15.93
C GLY A 251 36.48 5.16 -14.54
N GLU A 252 35.56 5.50 -13.63
CA GLU A 252 35.62 4.97 -12.27
C GLU A 252 34.43 4.07 -11.95
N GLU A 253 33.69 3.64 -12.97
CA GLU A 253 32.45 2.83 -12.72
C GLU A 253 32.79 1.51 -12.01
N GLN A 254 34.01 1.00 -12.14
CA GLN A 254 34.32 -0.31 -11.57
C GLN A 254 34.57 -0.26 -10.07
N ARG A 255 34.78 0.93 -9.49
CA ARG A 255 34.90 1.05 -8.05
C ARG A 255 33.56 0.94 -7.33
N TYR A 256 32.46 0.90 -8.07
CA TYR A 256 31.12 0.98 -7.50
C TYR A 256 30.44 -0.38 -7.56
N THR A 257 29.91 -0.84 -6.43
CA THR A 257 29.21 -2.10 -6.35
C THR A 257 27.82 -1.89 -5.79
N CYS A 258 26.85 -2.60 -6.35
CA CYS A 258 25.48 -2.60 -5.85
C CYS A 258 25.24 -3.87 -5.03
N HIS A 259 24.47 -3.73 -3.94
CA HIS A 259 24.25 -4.81 -2.99
C HIS A 259 22.76 -4.98 -2.74
N VAL A 260 22.25 -6.20 -2.92
CA VAL A 260 20.79 -6.43 -2.76
C VAL A 260 20.52 -7.60 -1.81
N GLN A 261 19.80 -7.34 -0.72
CA GLN A 261 19.41 -8.38 0.23
C GLN A 261 17.92 -8.61 0.08
N HIS A 262 17.52 -9.88 0.05
CA HIS A 262 16.11 -10.20 -0.10
C HIS A 262 15.89 -11.62 0.39
N GLU A 263 14.63 -11.87 0.78
CA GLU A 263 14.25 -13.17 1.33
C GLU A 263 14.54 -14.31 0.37
N GLY A 264 14.33 -14.07 -0.92
CA GLY A 264 14.52 -15.11 -1.91
C GLY A 264 15.95 -15.35 -2.33
N LEU A 265 16.91 -14.56 -1.78
CA LEU A 265 18.34 -14.72 -2.01
C LEU A 265 18.97 -15.45 -0.83
N PRO A 266 19.70 -16.54 -1.05
CA PRO A 266 20.29 -17.25 0.08
C PRO A 266 21.38 -16.46 0.77
N GLU A 267 21.82 -15.36 0.15
CA GLU A 267 22.84 -14.50 0.71
C GLU A 267 22.87 -13.22 -0.11
N PRO A 268 23.30 -12.08 0.45
CA PRO A 268 23.26 -10.83 -0.31
C PRO A 268 23.99 -10.96 -1.64
N LEU A 269 23.40 -10.34 -2.66
CA LEU A 269 23.99 -10.27 -3.99
C LEU A 269 24.89 -9.05 -4.13
N THR A 270 25.89 -9.18 -4.99
CA THR A 270 26.79 -8.09 -5.34
C THR A 270 26.95 -8.04 -6.85
N LEU A 271 26.64 -6.89 -7.46
CA LEU A 271 26.80 -6.76 -8.89
C LEU A 271 27.40 -5.40 -9.22
N ARG A 272 27.98 -5.32 -10.41
CA ARG A 272 28.60 -4.04 -10.86
C ARG A 272 28.30 -3.88 -12.35
N TRP A 273 28.35 -2.63 -12.85
CA TRP A 273 28.15 -2.40 -14.26
C TRP A 273 29.05 -3.31 -15.06
N GLU A 274 28.45 -4.01 -16.03
CA GLU A 274 29.21 -4.89 -16.96
C GLU A 274 29.00 -4.32 -18.36
N PRO A 275 29.94 -3.51 -18.90
CA PRO A 275 29.77 -2.82 -20.18
C PRO A 275 29.69 -3.79 -21.37
N MET B 1 -6.36 18.71 10.39
CA MET B 1 -6.36 18.31 8.99
C MET B 1 -4.94 18.17 8.45
N ILE B 2 -4.48 16.93 8.33
CA ILE B 2 -3.20 16.63 7.72
C ILE B 2 -3.37 16.66 6.21
N GLN B 3 -2.54 17.45 5.53
CA GLN B 3 -2.47 17.44 4.07
C GLN B 3 -1.09 16.95 3.67
N ARG B 4 -1.04 15.88 2.89
CA ARG B 4 0.20 15.31 2.38
C ARG B 4 0.08 15.26 0.86
N THR B 5 1.03 15.90 0.17
CA THR B 5 1.01 15.89 -1.27
C THR B 5 1.48 14.54 -1.81
N PRO B 6 0.92 14.09 -2.93
CA PRO B 6 1.27 12.76 -3.45
C PRO B 6 2.68 12.69 -4.04
N LYS B 7 3.39 11.60 -3.74
CA LYS B 7 4.52 11.18 -4.55
C LYS B 7 4.03 10.41 -5.76
N ILE B 8 4.71 10.57 -6.88
CA ILE B 8 4.33 9.97 -8.16
C ILE B 8 5.52 9.22 -8.74
N GLN B 9 5.30 7.99 -9.21
CA GLN B 9 6.23 7.24 -10.05
C GLN B 9 5.48 6.70 -11.26
N VAL B 10 6.06 6.93 -12.44
CA VAL B 10 5.55 6.40 -13.71
C VAL B 10 6.60 5.43 -14.25
N TYR B 11 6.15 4.26 -14.68
CA TYR B 11 7.07 3.20 -15.06
C TYR B 11 6.30 2.07 -15.71
N SER B 12 7.02 1.23 -16.45
CA SER B 12 6.43 0.07 -17.11
C SER B 12 6.60 -1.17 -16.24
N ARG B 13 5.65 -2.10 -16.36
CA ARG B 13 5.72 -3.32 -15.56
C ARG B 13 6.92 -4.17 -15.95
N HIS B 14 7.19 -4.28 -17.25
CA HIS B 14 8.34 -4.97 -17.81
C HIS B 14 9.26 -3.97 -18.51
N PRO B 15 10.56 -4.26 -18.59
CA PRO B 15 11.46 -3.36 -19.32
C PRO B 15 10.92 -3.08 -20.72
N ALA B 16 10.96 -1.82 -21.10
CA ALA B 16 10.33 -1.41 -22.34
C ALA B 16 11.11 -1.94 -23.53
N GLU B 17 10.41 -2.56 -24.46
CA GLU B 17 10.96 -2.93 -25.75
C GLU B 17 9.95 -2.51 -26.81
N ASN B 18 10.37 -1.65 -27.73
CA ASN B 18 9.46 -1.07 -28.71
C ASN B 18 8.72 -2.15 -29.48
N GLY B 19 7.40 -2.03 -29.53
CA GLY B 19 6.57 -2.93 -30.30
C GLY B 19 6.00 -4.10 -29.52
N LYS B 20 6.35 -4.26 -28.25
CA LYS B 20 5.90 -5.37 -27.44
C LYS B 20 4.91 -4.87 -26.39
N SER B 21 3.77 -5.55 -26.29
CA SER B 21 2.77 -5.19 -25.31
C SER B 21 3.39 -5.20 -23.92
N ASN B 22 2.84 -4.34 -23.05
CA ASN B 22 3.41 -4.06 -21.74
C ASN B 22 2.34 -3.36 -20.91
N PHE B 23 2.72 -2.88 -19.73
CA PHE B 23 1.80 -2.15 -18.86
C PHE B 23 2.49 -0.90 -18.36
N LEU B 24 1.81 0.23 -18.48
CA LEU B 24 2.27 1.51 -17.96
C LEU B 24 1.65 1.74 -16.60
N ASN B 25 2.48 1.98 -15.59
CA ASN B 25 2.02 2.15 -14.22
C ASN B 25 2.21 3.59 -13.77
N CYS B 26 1.27 4.07 -12.95
CA CYS B 26 1.47 5.30 -12.18
C CYS B 26 1.11 5.00 -10.74
N TYR B 27 2.14 4.92 -9.89
CA TYR B 27 2.00 4.66 -8.46
C TYR B 27 2.00 6.00 -7.72
N VAL B 28 0.86 6.36 -7.13
CA VAL B 28 0.73 7.56 -6.30
C VAL B 28 0.68 7.14 -4.85
N SER B 29 1.51 7.76 -4.01
CA SER B 29 1.59 7.33 -2.62
C SER B 29 1.80 8.53 -1.72
N GLY B 30 1.76 8.29 -0.42
CA GLY B 30 2.09 9.31 0.56
C GLY B 30 1.11 10.45 0.69
N PHE B 31 -0.08 10.36 0.11
CA PHE B 31 -0.98 11.50 0.09
C PHE B 31 -2.10 11.38 1.12
N HIS B 32 -2.67 12.54 1.47
CA HIS B 32 -3.78 12.61 2.41
C HIS B 32 -4.43 13.98 2.29
N PRO B 33 -5.77 14.07 2.17
CA PRO B 33 -6.79 13.01 2.23
C PRO B 33 -6.83 12.17 0.95
N SER B 34 -7.82 11.28 0.81
CA SER B 34 -7.72 10.22 -0.18
C SER B 34 -8.33 10.58 -1.53
N ASP B 35 -9.19 11.60 -1.57
CA ASP B 35 -9.65 12.16 -2.85
C ASP B 35 -8.46 12.47 -3.73
N ILE B 36 -8.45 11.94 -4.95
CA ILE B 36 -7.34 12.16 -5.86
C ILE B 36 -7.81 11.85 -7.26
N GLU B 37 -7.25 12.58 -8.23
CA GLU B 37 -7.57 12.36 -9.65
C GLU B 37 -6.28 12.00 -10.38
N VAL B 38 -6.28 10.89 -11.09
CA VAL B 38 -5.09 10.37 -11.77
C VAL B 38 -5.47 9.99 -13.19
N ASP B 39 -4.77 10.57 -14.16
CA ASP B 39 -4.91 10.20 -15.56
C ASP B 39 -3.57 9.75 -16.11
N LEU B 40 -3.61 8.79 -17.02
CA LEU B 40 -2.47 8.43 -17.85
C LEU B 40 -2.62 9.13 -19.19
N LEU B 41 -1.52 9.71 -19.67
CA LEU B 41 -1.53 10.49 -20.91
C LEU B 41 -0.70 9.79 -21.98
N LYS B 42 -1.20 9.84 -23.22
CA LYS B 42 -0.45 9.45 -24.41
C LYS B 42 -0.36 10.65 -25.34
N ASN B 43 0.87 11.12 -25.57
CA ASN B 43 1.13 12.33 -26.35
C ASN B 43 0.26 13.49 -25.86
N GLY B 44 0.18 13.61 -24.53
CA GLY B 44 -0.58 14.68 -23.89
C GLY B 44 -2.08 14.46 -23.83
N GLU B 45 -2.59 13.35 -24.33
CA GLU B 45 -4.01 13.05 -24.39
C GLU B 45 -4.37 11.96 -23.38
N ARG B 46 -5.49 12.14 -22.69
CA ARG B 46 -5.89 11.19 -21.66
C ARG B 46 -6.17 9.83 -22.27
N ILE B 47 -5.64 8.78 -21.64
CA ILE B 47 -5.95 7.42 -22.04
C ILE B 47 -7.27 7.03 -21.40
N GLU B 48 -8.17 6.46 -22.18
CA GLU B 48 -9.56 6.35 -21.76
C GLU B 48 -9.75 5.22 -20.74
N LYS B 49 -9.35 4.00 -21.07
CA LYS B 49 -9.59 2.87 -20.17
C LYS B 49 -8.34 2.65 -19.33
N VAL B 50 -8.31 3.29 -18.17
CA VAL B 50 -7.27 3.07 -17.17
C VAL B 50 -7.94 2.41 -15.97
N GLU B 51 -7.30 1.38 -15.44
CA GLU B 51 -7.78 0.74 -14.21
C GLU B 51 -6.93 1.20 -13.04
N HIS B 52 -7.40 0.92 -11.83
CA HIS B 52 -6.66 1.30 -10.66
C HIS B 52 -6.91 0.31 -9.54
N SER B 53 -5.94 0.21 -8.63
CA SER B 53 -6.05 -0.68 -7.50
C SER B 53 -7.05 -0.12 -6.47
N ASP B 54 -7.27 -0.89 -5.41
CA ASP B 54 -8.21 -0.50 -4.36
C ASP B 54 -7.50 0.35 -3.31
N LEU B 55 -8.17 1.42 -2.88
CA LEU B 55 -7.63 2.37 -1.89
C LEU B 55 -7.06 1.63 -0.69
N SER B 56 -5.78 1.85 -0.43
CA SER B 56 -5.13 1.30 0.75
C SER B 56 -4.20 2.37 1.30
N PHE B 57 -3.52 2.06 2.41
CA PHE B 57 -2.67 3.05 3.05
C PHE B 57 -1.57 2.35 3.83
N SER B 58 -0.50 3.11 4.09
CA SER B 58 0.71 2.62 4.74
C SER B 58 0.66 2.84 6.25
N LYS B 59 1.74 2.47 6.92
CA LYS B 59 1.81 2.52 8.38
C LYS B 59 1.62 3.94 8.91
N ASP B 60 2.03 4.95 8.16
CA ASP B 60 1.90 6.34 8.56
C ASP B 60 0.56 6.95 8.14
N TRP B 61 -0.43 6.14 7.79
CA TRP B 61 -1.81 6.47 7.44
C TRP B 61 -1.96 7.08 6.05
N SER B 62 -0.88 7.39 5.33
CA SER B 62 -1.03 7.97 4.00
C SER B 62 -1.41 6.92 2.97
N PHE B 63 -2.12 7.33 1.94
CA PHE B 63 -2.76 6.43 0.99
C PHE B 63 -1.85 6.15 -0.20
N TYR B 64 -2.11 5.02 -0.86
CA TYR B 64 -1.45 4.74 -2.12
C TYR B 64 -2.42 4.05 -3.07
N LEU B 65 -2.23 4.36 -4.35
CA LEU B 65 -2.99 3.80 -5.45
C LEU B 65 -2.03 3.49 -6.59
N LEU B 66 -2.33 2.42 -7.32
CA LEU B 66 -1.68 2.12 -8.60
C LEU B 66 -2.69 2.27 -9.73
N TYR B 67 -2.34 3.09 -10.72
CA TYR B 67 -3.11 3.20 -11.96
C TYR B 67 -2.33 2.54 -13.08
N TYR B 68 -3.04 1.84 -13.96
CA TYR B 68 -2.35 1.04 -14.96
C TYR B 68 -3.21 0.87 -16.20
N THR B 69 -2.54 0.70 -17.33
CA THR B 69 -3.20 0.42 -18.59
C THR B 69 -2.26 -0.40 -19.47
N GLU B 70 -2.83 -1.24 -20.32
CA GLU B 70 -2.01 -1.94 -21.31
C GLU B 70 -1.56 -0.96 -22.37
N PHE B 71 -0.31 -1.11 -22.81
CA PHE B 71 0.18 -0.21 -23.83
C PHE B 71 1.32 -0.90 -24.57
N THR B 72 1.56 -0.45 -25.80
CA THR B 72 2.67 -0.97 -26.60
C THR B 72 3.60 0.20 -26.93
N PRO B 73 4.67 0.39 -26.16
CA PRO B 73 5.53 1.56 -26.38
C PRO B 73 6.21 1.51 -27.73
N THR B 74 6.54 2.69 -28.23
CA THR B 74 7.26 2.90 -29.48
C THR B 74 8.47 3.80 -29.22
N GLU B 75 9.20 4.11 -30.29
CA GLU B 75 10.35 5.04 -30.15
C GLU B 75 9.85 6.48 -30.13
N LYS B 76 8.69 6.77 -30.74
CA LYS B 76 8.23 8.15 -30.82
C LYS B 76 7.25 8.54 -29.72
N ASP B 77 6.37 7.62 -29.32
CA ASP B 77 5.26 7.99 -28.45
C ASP B 77 5.77 8.37 -27.07
N GLU B 78 5.15 9.42 -26.51
CA GLU B 78 5.44 9.86 -25.15
C GLU B 78 4.26 9.53 -24.24
N TYR B 79 4.55 9.29 -22.97
CA TYR B 79 3.51 8.97 -21.99
C TYR B 79 3.84 9.68 -20.68
N ALA B 80 2.77 9.95 -19.92
CA ALA B 80 2.91 10.67 -18.66
C ALA B 80 1.78 10.29 -17.73
N CYS B 81 2.01 10.56 -16.45
CA CYS B 81 0.98 10.50 -15.42
C CYS B 81 0.67 11.91 -14.96
N ARG B 82 -0.63 12.21 -14.82
CA ARG B 82 -1.10 13.54 -14.40
C ARG B 82 -2.01 13.37 -13.19
N VAL B 83 -1.67 14.06 -12.12
CA VAL B 83 -2.28 13.85 -10.81
C VAL B 83 -2.83 15.18 -10.31
N ASN B 84 -4.04 15.15 -9.76
CA ASN B 84 -4.61 16.32 -9.12
C ASN B 84 -5.07 15.94 -7.71
N HIS B 85 -4.91 16.89 -6.79
CA HIS B 85 -5.09 16.65 -5.38
C HIS B 85 -5.22 18.01 -4.70
N VAL B 86 -5.91 18.03 -3.55
CA VAL B 86 -6.23 19.32 -2.93
C VAL B 86 -4.94 20.08 -2.56
N THR B 87 -3.82 19.38 -2.32
CA THR B 87 -2.56 20.01 -2.01
C THR B 87 -1.88 20.65 -3.21
N LEU B 88 -2.37 20.44 -4.42
CA LEU B 88 -1.72 20.91 -5.63
C LEU B 88 -2.46 22.11 -6.20
N SER B 89 -1.72 23.18 -6.50
CA SER B 89 -2.34 24.32 -7.16
C SER B 89 -2.72 23.97 -8.59
N GLN B 90 -1.92 23.15 -9.26
CA GLN B 90 -2.15 22.71 -10.63
C GLN B 90 -1.86 21.21 -10.69
N PRO B 91 -2.46 20.50 -11.64
CA PRO B 91 -2.14 19.06 -11.77
C PRO B 91 -0.64 18.88 -11.99
N LYS B 92 -0.08 17.88 -11.31
CA LYS B 92 1.34 17.55 -11.39
C LYS B 92 1.55 16.46 -12.44
N ILE B 93 2.49 16.67 -13.34
CA ILE B 93 2.71 15.79 -14.48
C ILE B 93 4.12 15.25 -14.44
N VAL B 94 4.25 13.92 -14.50
CA VAL B 94 5.53 13.24 -14.51
C VAL B 94 5.58 12.42 -15.79
N LYS B 95 6.58 12.69 -16.62
CA LYS B 95 6.72 11.98 -17.89
C LYS B 95 7.28 10.59 -17.68
N TRP B 96 6.80 9.64 -18.49
CA TRP B 96 7.40 8.31 -18.47
C TRP B 96 8.81 8.39 -19.05
N ASP B 97 9.75 7.75 -18.34
CA ASP B 97 11.12 7.58 -18.81
C ASP B 97 11.44 6.10 -18.69
N ARG B 98 11.75 5.46 -19.82
CA ARG B 98 11.93 4.00 -19.81
C ARG B 98 13.14 3.55 -19.00
N ASP B 99 14.07 4.44 -18.67
CA ASP B 99 15.23 4.11 -17.84
C ASP B 99 15.00 4.37 -16.35
N MET B 100 13.75 4.57 -15.94
CA MET B 100 13.45 4.89 -14.56
C MET B 100 12.21 4.15 -14.09
N ILE C 1 -10.79 -13.56 7.47
CA ILE C 1 -12.13 -13.02 7.54
C ILE C 1 -12.16 -11.78 8.42
N LEU C 2 -13.20 -10.99 8.25
CA LEU C 2 -13.37 -9.74 8.98
C LEU C 2 -13.65 -10.00 10.45
N LYS C 3 -13.12 -9.14 11.31
CA LYS C 3 -13.62 -9.05 12.67
C LYS C 3 -15.12 -8.69 12.66
N GLU C 4 -15.90 -9.44 13.42
CA GLU C 4 -17.33 -9.14 13.52
C GLU C 4 -17.53 -7.74 14.08
N PRO C 5 -18.29 -6.87 13.41
CA PRO C 5 -18.50 -5.50 13.85
C PRO C 5 -19.45 -5.40 15.05
N VAL C 6 -19.18 -6.20 16.09
CA VAL C 6 -19.87 -6.05 17.36
C VAL C 6 -19.12 -5.12 18.30
N HIS C 7 -17.92 -4.68 17.92
CA HIS C 7 -17.23 -3.66 18.69
C HIS C 7 -17.91 -2.32 18.48
N GLY C 8 -17.64 -1.39 19.39
CA GLY C 8 -18.49 -0.22 19.52
C GLY C 8 -18.14 0.89 18.54
N VAL C 9 -19.10 1.80 18.38
CA VAL C 9 -18.82 3.00 17.62
C VAL C 9 -17.76 3.82 18.37
N TYR C 10 -17.14 4.75 17.66
CA TYR C 10 -16.09 5.56 18.25
C TYR C 10 -16.69 6.61 19.17
#